data_6CDP
#
_entry.id   6CDP
#
_cell.length_a   60.460
_cell.length_b   192.313
_cell.length_c   87.558
_cell.angle_alpha   90.00
_cell.angle_beta   90.00
_cell.angle_gamma   90.00
#
_symmetry.space_group_name_H-M   'C 2 2 21'
#
loop_
_entity.id
_entity.type
_entity.pdbx_description
1 polymer 'vFP20.01 Fab heavy chain'
2 polymer 'vFP20.01 Fab light chain'
3 polymer 'HIV-1 fusion peptide 512-519'
4 non-polymer 'SULFATE ION'
5 water water
#
loop_
_entity_poly.entity_id
_entity_poly.type
_entity_poly.pdbx_seq_one_letter_code
_entity_poly.pdbx_strand_id
1 'polypeptide(L)'
;QVQLQQSGADLVRPGASVTLSCKASGYTFTDYEMHWMKQTPVHGLEWIGAIVPETGYTAYNQKFKGKAILTADKSSNTVY
MQFRSLTSEDSAVYYCSRLKLLGYFDVWGTGTTVTVSSASTKGPSVFPLAPSSKSTSGGTAALGCLVKDYFPEPVTVSWN
SGALTSGVHTFPAVLQSSGLYSLSSVVTVPSSSLGTQTYICNVNHKPSNTKVDKKVEPKSC
;
A
2 'polypeptide(L)'
;DVLMTQTPLSLPVSLGDQASISCKSSQSIVYKDGNSYLEWYLQKVGQSPKLLIYRVSNRFSGVPDRFSGSGSGTDFTLKI
SRVEAEDLGVYYCFQGTHLPYTFGGGTKLEMKRTVAAPSVFIFPPSDEQLKSGTASVVCLLNNFYPREAKVQWKVDNALQ
SGNSQESVTEQDSKDSTYSLSSTLTLSKADYEKHKVYACEVTHQGLSSPVTKSFNRGEC
;
B
3 'polypeptide(L)' AVGIGAVF C
#
loop_
_chem_comp.id
_chem_comp.type
_chem_comp.name
_chem_comp.formula
SO4 non-polymer 'SULFATE ION' 'O4 S -2'
#
# COMPACT_ATOMS: atom_id res chain seq x y z
N GLN A 1 -3.63 -13.37 -19.41
CA GLN A 1 -2.89 -12.12 -19.26
C GLN A 1 -3.82 -10.91 -19.34
N VAL A 2 -4.99 -11.02 -18.71
CA VAL A 2 -5.89 -9.87 -18.62
C VAL A 2 -5.20 -8.79 -17.80
N GLN A 3 -5.25 -7.56 -18.31
CA GLN A 3 -4.45 -6.48 -17.75
C GLN A 3 -5.21 -5.16 -17.85
N LEU A 4 -5.24 -4.41 -16.75
CA LEU A 4 -5.76 -3.05 -16.71
C LEU A 4 -4.64 -2.14 -16.22
N GLN A 5 -4.07 -1.35 -17.12
CA GLN A 5 -2.96 -0.46 -16.78
C GLN A 5 -3.48 0.97 -16.67
N GLN A 6 -3.39 1.53 -15.47
CA GLN A 6 -3.86 2.88 -15.19
C GLN A 6 -2.72 3.88 -15.29
N SER A 7 -3.08 5.15 -15.47
CA SER A 7 -2.10 6.21 -15.64
C SER A 7 -1.37 6.49 -14.33
N GLY A 8 -0.36 7.35 -14.42
CA GLY A 8 0.49 7.63 -13.28
C GLY A 8 -0.12 8.65 -12.32
N ALA A 9 0.34 8.57 -11.07
CA ALA A 9 -0.15 9.45 -10.02
C ALA A 9 0.09 10.92 -10.37
N ASP A 10 -0.81 11.77 -9.88
CA ASP A 10 -0.84 13.17 -10.26
C ASP A 10 -0.85 14.06 -9.02
N LEU A 11 -0.33 15.27 -9.20
CA LEU A 11 -0.62 16.42 -8.35
C LEU A 11 -1.34 17.45 -9.23
N VAL A 12 -2.52 17.87 -8.80
CA VAL A 12 -3.32 18.82 -9.58
C VAL A 12 -3.73 19.98 -8.69
N ARG A 13 -3.79 21.17 -9.28
CA ARG A 13 -4.21 22.34 -8.54
C ARG A 13 -5.70 22.27 -8.23
N PRO A 14 -6.13 22.75 -7.07
CA PRO A 14 -7.58 22.86 -6.81
C PRO A 14 -8.26 23.67 -7.91
N GLY A 15 -9.36 23.12 -8.42
CA GLY A 15 -10.07 23.75 -9.51
C GLY A 15 -9.58 23.36 -10.89
N ALA A 16 -8.54 22.54 -11.00
CA ALA A 16 -8.08 22.06 -12.29
C ALA A 16 -8.97 20.91 -12.76
N SER A 17 -8.61 20.33 -13.92
CA SER A 17 -9.36 19.23 -14.50
C SER A 17 -8.39 18.21 -15.05
N VAL A 18 -8.41 17.00 -14.49
CA VAL A 18 -7.43 15.97 -14.82
C VAL A 18 -8.13 14.81 -15.52
N THR A 19 -7.35 14.07 -16.31
CA THR A 19 -7.87 12.95 -17.10
C THR A 19 -7.07 11.69 -16.78
N LEU A 20 -7.74 10.71 -16.19
CA LEU A 20 -7.17 9.40 -15.91
C LEU A 20 -7.53 8.43 -17.03
N SER A 21 -6.61 7.51 -17.32
CA SER A 21 -6.81 6.52 -18.37
C SER A 21 -6.59 5.12 -17.81
N CYS A 22 -7.27 4.15 -18.44
CA CYS A 22 -7.21 2.75 -18.03
C CYS A 22 -7.20 1.94 -19.31
N LYS A 23 -6.03 1.41 -19.67
CA LYS A 23 -5.85 0.66 -20.90
C LYS A 23 -6.00 -0.83 -20.61
N ALA A 24 -6.95 -1.46 -21.28
CA ALA A 24 -7.21 -2.88 -21.14
C ALA A 24 -6.44 -3.68 -22.18
N SER A 25 -6.06 -4.90 -21.81
CA SER A 25 -5.35 -5.78 -22.73
C SER A 25 -5.55 -7.22 -22.28
N GLY A 26 -5.37 -8.14 -23.24
CA GLY A 26 -5.47 -9.56 -22.93
C GLY A 26 -6.86 -10.12 -22.91
N TYR A 27 -7.87 -9.35 -23.32
CA TYR A 27 -9.22 -9.84 -23.50
C TYR A 27 -9.91 -8.97 -24.54
N THR A 28 -11.15 -9.30 -24.87
CA THR A 28 -11.91 -8.55 -25.86
C THR A 28 -12.57 -7.36 -25.17
N PHE A 29 -12.17 -6.16 -25.57
CA PHE A 29 -12.53 -4.94 -24.86
C PHE A 29 -14.04 -4.73 -24.84
N THR A 30 -14.68 -4.76 -26.01
CA THR A 30 -16.09 -4.41 -26.11
C THR A 30 -17.02 -5.41 -25.43
N ASP A 31 -16.49 -6.52 -24.93
CA ASP A 31 -17.34 -7.50 -24.24
C ASP A 31 -17.60 -7.15 -22.78
N TYR A 32 -16.86 -6.19 -22.23
CA TYR A 32 -16.99 -5.81 -20.82
C TYR A 32 -17.27 -4.33 -20.69
N GLU A 33 -17.86 -3.97 -19.56
CA GLU A 33 -17.96 -2.60 -19.09
C GLU A 33 -16.82 -2.32 -18.12
N MET A 34 -16.43 -1.04 -18.05
CA MET A 34 -15.41 -0.56 -17.14
C MET A 34 -16.09 0.25 -16.05
N HIS A 35 -15.93 -0.18 -14.81
CA HIS A 35 -16.43 0.51 -13.63
C HIS A 35 -15.27 1.17 -12.90
N TRP A 36 -15.56 2.26 -12.20
CA TRP A 36 -14.53 3.04 -11.55
C TRP A 36 -14.86 3.21 -10.07
N MET A 37 -13.85 2.99 -9.22
CA MET A 37 -13.98 3.11 -7.79
C MET A 37 -13.07 4.21 -7.27
N LYS A 38 -13.45 4.78 -6.12
CA LYS A 38 -12.63 5.75 -5.42
C LYS A 38 -12.33 5.22 -4.02
N GLN A 39 -11.06 5.28 -3.63
CA GLN A 39 -10.64 4.83 -2.31
C GLN A 39 -9.94 5.96 -1.58
N THR A 40 -10.40 6.22 -0.36
CA THR A 40 -9.85 7.21 0.57
C THR A 40 -9.58 6.52 1.90
N PRO A 41 -8.61 7.01 2.67
CA PRO A 41 -8.30 6.36 3.95
C PRO A 41 -9.36 6.59 5.02
N VAL A 42 -10.23 7.57 4.85
CA VAL A 42 -11.28 7.83 5.83
C VAL A 42 -12.56 7.13 5.41
N HIS A 43 -13.07 7.44 4.21
CA HIS A 43 -14.32 6.85 3.74
C HIS A 43 -14.14 5.36 3.45
N GLY A 44 -13.18 5.02 2.59
CA GLY A 44 -13.07 3.68 2.08
C GLY A 44 -13.39 3.62 0.61
N LEU A 45 -14.00 2.52 0.16
CA LEU A 45 -14.28 2.32 -1.25
C LEU A 45 -15.64 2.89 -1.63
N GLU A 46 -15.68 3.57 -2.78
CA GLU A 46 -16.91 4.17 -3.30
C GLU A 46 -17.01 3.85 -4.79
N TRP A 47 -18.20 3.44 -5.22
CA TRP A 47 -18.48 3.25 -6.63
C TRP A 47 -18.79 4.61 -7.27
N ILE A 48 -18.04 4.97 -8.30
CA ILE A 48 -18.24 6.25 -8.96
C ILE A 48 -19.24 6.13 -10.11
N GLY A 49 -19.05 5.11 -10.94
CA GLY A 49 -19.88 4.95 -12.12
C GLY A 49 -19.27 3.94 -13.06
N ALA A 50 -19.93 3.77 -14.20
CA ALA A 50 -19.54 2.74 -15.15
C ALA A 50 -19.82 3.22 -16.56
N ILE A 51 -19.06 2.65 -17.51
CA ILE A 51 -19.28 2.85 -18.92
C ILE A 51 -19.25 1.49 -19.60
N VAL A 52 -20.19 1.24 -20.49
CA VAL A 52 -20.12 0.11 -21.42
C VAL A 52 -19.58 0.64 -22.74
N PRO A 53 -18.35 0.29 -23.13
CA PRO A 53 -17.67 0.98 -24.24
C PRO A 53 -18.20 0.66 -25.62
N GLU A 54 -18.47 -0.62 -25.93
CA GLU A 54 -18.98 -1.02 -27.24
C GLU A 54 -20.05 -0.04 -27.72
N THR A 55 -20.85 0.45 -26.78
CA THR A 55 -21.96 1.38 -26.96
C THR A 55 -21.62 2.80 -26.56
N GLY A 56 -20.86 2.97 -25.47
CA GLY A 56 -20.60 4.27 -24.90
C GLY A 56 -21.56 4.68 -23.80
N TYR A 57 -22.29 3.74 -23.21
CA TYR A 57 -23.39 4.08 -22.32
C TYR A 57 -22.87 4.17 -20.88
N THR A 58 -23.12 5.30 -20.24
CA THR A 58 -22.55 5.59 -18.93
C THR A 58 -23.66 5.69 -17.89
N ALA A 59 -23.29 5.45 -16.64
CA ALA A 59 -24.16 5.67 -15.50
C ALA A 59 -23.29 6.05 -14.31
N TYR A 60 -23.76 7.01 -13.52
CA TYR A 60 -22.93 7.61 -12.49
C TYR A 60 -23.63 7.59 -11.14
N ASN A 61 -22.83 7.42 -10.09
CA ASN A 61 -23.28 7.75 -8.75
C ASN A 61 -23.62 9.23 -8.70
N GLN A 62 -24.74 9.56 -8.02
CA GLN A 62 -25.16 10.95 -7.93
C GLN A 62 -24.12 11.81 -7.23
N LYS A 63 -23.32 11.22 -6.35
CA LYS A 63 -22.23 11.97 -5.72
C LYS A 63 -21.23 12.49 -6.74
N PHE A 64 -21.08 11.80 -7.87
CA PHE A 64 -20.04 12.13 -8.84
C PHE A 64 -20.57 12.53 -10.20
N LYS A 65 -21.88 12.59 -10.39
CA LYS A 65 -22.42 13.10 -11.65
C LYS A 65 -22.04 14.56 -11.81
N GLY A 66 -21.61 14.92 -13.00
CA GLY A 66 -21.11 16.27 -13.26
C GLY A 66 -19.61 16.42 -13.15
N LYS A 67 -19.01 15.86 -12.10
CA LYS A 67 -17.57 16.00 -11.90
C LYS A 67 -16.80 14.96 -12.71
N ALA A 68 -17.22 13.69 -12.65
CA ALA A 68 -16.53 12.59 -13.32
C ALA A 68 -17.23 12.28 -14.64
N ILE A 69 -16.47 12.29 -15.73
CA ILE A 69 -16.98 12.03 -17.07
C ILE A 69 -16.23 10.83 -17.64
N LEU A 70 -16.95 9.76 -17.94
CA LEU A 70 -16.35 8.54 -18.47
C LEU A 70 -16.52 8.49 -19.99
N THR A 71 -15.43 8.25 -20.70
CA THR A 71 -15.45 8.03 -22.13
C THR A 71 -14.65 6.77 -22.45
N ALA A 72 -14.70 6.35 -23.72
CA ALA A 72 -14.08 5.10 -24.11
C ALA A 72 -13.54 5.21 -25.54
N ASP A 73 -12.26 4.86 -25.69
CA ASP A 73 -11.63 4.71 -26.99
C ASP A 73 -11.58 3.23 -27.33
N LYS A 74 -12.31 2.83 -28.38
CA LYS A 74 -12.40 1.41 -28.73
C LYS A 74 -11.18 0.93 -29.51
N SER A 75 -10.51 1.83 -30.24
CA SER A 75 -9.30 1.45 -30.95
C SER A 75 -8.19 1.08 -29.97
N SER A 76 -7.83 2.00 -29.09
CA SER A 76 -6.75 1.76 -28.13
C SER A 76 -7.18 0.94 -26.93
N ASN A 77 -8.44 0.47 -26.90
CA ASN A 77 -8.95 -0.34 -25.79
C ASN A 77 -8.75 0.37 -24.46
N THR A 78 -9.18 1.64 -24.40
CA THR A 78 -8.90 2.51 -23.27
C THR A 78 -10.19 3.13 -22.76
N VAL A 79 -10.26 3.34 -21.43
CA VAL A 79 -11.37 4.05 -20.82
C VAL A 79 -10.81 5.26 -20.07
N TYR A 80 -11.46 6.41 -20.23
CA TYR A 80 -11.03 7.66 -19.62
C TYR A 80 -12.03 8.12 -18.57
N MET A 81 -11.50 8.64 -17.46
CA MET A 81 -12.32 9.32 -16.45
C MET A 81 -11.78 10.72 -16.25
N GLN A 82 -12.63 11.70 -16.39
CA GLN A 82 -12.30 13.07 -16.23
C GLN A 82 -12.87 13.74 -15.05
N PHE A 83 -12.03 14.44 -14.34
CA PHE A 83 -12.47 15.23 -13.20
C PHE A 83 -12.38 16.69 -13.61
N ARG A 84 -13.52 17.39 -13.56
CA ARG A 84 -13.66 18.69 -14.22
C ARG A 84 -13.31 19.87 -13.33
N SER A 85 -13.51 19.77 -12.03
CA SER A 85 -13.11 20.84 -11.11
C SER A 85 -12.69 20.17 -9.80
N LEU A 86 -11.39 20.00 -9.62
CA LEU A 86 -10.87 19.23 -8.50
C LEU A 86 -11.04 19.99 -7.19
N THR A 87 -11.29 19.23 -6.13
CA THR A 87 -11.46 19.76 -4.78
C THR A 87 -10.52 19.00 -3.84
N SER A 88 -10.39 19.53 -2.62
CA SER A 88 -9.58 18.84 -1.61
C SER A 88 -10.13 17.45 -1.32
N GLU A 89 -11.44 17.25 -1.47
CA GLU A 89 -12.07 15.96 -1.24
C GLU A 89 -11.83 14.97 -2.38
N ASP A 90 -11.22 15.40 -3.48
CA ASP A 90 -10.97 14.53 -4.62
C ASP A 90 -9.65 13.79 -4.53
N SER A 91 -8.79 14.12 -3.55
CA SER A 91 -7.54 13.39 -3.37
C SER A 91 -7.86 11.97 -2.93
N ALA A 92 -7.44 10.99 -3.75
CA ALA A 92 -7.81 9.60 -3.50
C ALA A 92 -7.01 8.70 -4.43
N VAL A 93 -7.22 7.40 -4.29
CA VAL A 93 -6.75 6.41 -5.25
C VAL A 93 -7.93 5.99 -6.10
N TYR A 94 -7.84 6.17 -7.42
CA TYR A 94 -8.93 5.84 -8.32
C TYR A 94 -8.61 4.54 -9.06
N TYR A 95 -9.59 3.65 -9.11
CA TYR A 95 -9.43 2.31 -9.68
C TYR A 95 -10.37 2.14 -10.86
N CYS A 96 -9.90 1.41 -11.87
CA CYS A 96 -10.77 0.86 -12.89
C CYS A 96 -10.86 -0.65 -12.68
N SER A 97 -11.98 -1.23 -13.13
CA SER A 97 -12.20 -2.65 -13.02
C SER A 97 -13.15 -3.08 -14.13
N ARG A 98 -12.96 -4.31 -14.59
CA ARG A 98 -13.79 -4.84 -15.67
C ARG A 98 -14.97 -5.62 -15.11
N LEU A 99 -16.02 -5.72 -15.92
CA LEU A 99 -17.22 -6.43 -15.52
C LEU A 99 -18.03 -6.82 -16.74
N LYS A 100 -18.50 -8.06 -16.78
CA LYS A 100 -19.53 -8.44 -17.74
C LYS A 100 -20.83 -8.68 -16.99
N LEU A 101 -21.93 -8.66 -17.73
CA LEU A 101 -23.25 -8.65 -17.11
C LEU A 101 -23.44 -9.84 -16.18
N LEU A 102 -24.00 -9.55 -15.00
CA LEU A 102 -24.22 -10.54 -13.94
C LEU A 102 -22.92 -11.19 -13.48
N GLY A 103 -21.82 -10.44 -13.55
CA GLY A 103 -20.53 -10.95 -13.14
C GLY A 103 -19.99 -10.34 -11.85
N TYR A 104 -18.70 -10.01 -11.83
CA TYR A 104 -18.05 -9.48 -10.63
C TYR A 104 -16.80 -8.72 -11.05
N PHE A 105 -16.20 -8.02 -10.08
CA PHE A 105 -14.94 -7.32 -10.31
C PHE A 105 -13.80 -8.31 -10.09
N ASP A 106 -13.41 -9.00 -11.15
CA ASP A 106 -12.37 -10.02 -11.05
C ASP A 106 -10.98 -9.45 -11.32
N VAL A 107 -10.86 -8.56 -12.30
CA VAL A 107 -9.59 -7.94 -12.65
C VAL A 107 -9.66 -6.46 -12.32
N TRP A 108 -8.69 -5.98 -11.56
CA TRP A 108 -8.63 -4.60 -11.13
C TRP A 108 -7.38 -3.94 -11.70
N GLY A 109 -7.49 -2.63 -11.95
CA GLY A 109 -6.33 -1.84 -12.32
C GLY A 109 -5.40 -1.65 -11.15
N THR A 110 -4.28 -0.99 -11.42
CA THR A 110 -3.25 -0.77 -10.42
C THR A 110 -3.45 0.49 -9.60
N GLY A 111 -4.42 1.33 -9.97
CA GLY A 111 -4.74 2.50 -9.17
C GLY A 111 -3.96 3.75 -9.55
N THR A 112 -4.65 4.88 -9.59
CA THR A 112 -4.04 6.18 -9.87
C THR A 112 -4.26 7.09 -8.67
N THR A 113 -3.18 7.44 -7.99
CA THR A 113 -3.25 8.34 -6.85
C THR A 113 -3.31 9.78 -7.35
N VAL A 114 -4.39 10.48 -7.02
CA VAL A 114 -4.56 11.89 -7.34
C VAL A 114 -4.47 12.68 -6.05
N THR A 115 -3.50 13.60 -6.00
CA THR A 115 -3.36 14.53 -4.88
C THR A 115 -3.72 15.93 -5.38
N VAL A 116 -4.72 16.53 -4.75
CA VAL A 116 -5.13 17.89 -5.05
C VAL A 116 -4.44 18.81 -4.05
N SER A 117 -3.57 19.68 -4.55
CA SER A 117 -2.74 20.49 -3.66
C SER A 117 -2.27 21.73 -4.41
N SER A 118 -2.03 22.80 -3.65
CA SER A 118 -1.44 24.02 -4.18
C SER A 118 0.08 24.01 -4.08
N ALA A 119 0.67 23.08 -3.34
CA ALA A 119 2.12 23.04 -3.16
C ALA A 119 2.79 22.56 -4.44
N SER A 120 4.12 22.64 -4.44
CA SER A 120 4.92 22.27 -5.59
C SER A 120 5.26 20.79 -5.57
N THR A 121 5.43 20.21 -6.76
CA THR A 121 5.91 18.85 -6.87
C THR A 121 7.43 18.84 -6.81
N LYS A 122 7.98 17.89 -6.06
CA LYS A 122 9.42 17.69 -5.99
C LYS A 122 9.73 16.21 -6.10
N GLY A 123 10.66 15.88 -6.98
CA GLY A 123 11.14 14.52 -7.11
C GLY A 123 12.01 14.14 -5.94
N PRO A 124 12.17 12.85 -5.69
CA PRO A 124 12.94 12.40 -4.53
C PRO A 124 14.43 12.32 -4.80
N SER A 125 15.19 12.45 -3.71
CA SER A 125 16.61 12.14 -3.70
C SER A 125 16.79 10.73 -3.13
N VAL A 126 17.60 9.92 -3.79
CA VAL A 126 17.76 8.52 -3.42
C VAL A 126 19.18 8.30 -2.95
N PHE A 127 19.32 7.82 -1.71
CA PHE A 127 20.61 7.58 -1.06
C PHE A 127 20.73 6.10 -0.69
N PRO A 128 21.93 5.53 -0.77
CA PRO A 128 22.08 4.11 -0.43
C PRO A 128 22.18 3.89 1.08
N LEU A 129 21.50 2.85 1.54
CA LEU A 129 21.66 2.32 2.89
C LEU A 129 22.52 1.07 2.76
N ALA A 130 23.83 1.23 3.00
CA ALA A 130 24.80 0.23 2.62
C ALA A 130 24.90 -0.87 3.68
N PRO A 131 25.05 -2.12 3.25
CA PRO A 131 25.29 -3.19 4.22
C PRO A 131 26.71 -3.10 4.78
N SER A 132 26.83 -3.35 6.08
CA SER A 132 28.12 -3.26 6.76
C SER A 132 28.12 -4.25 7.92
N SER A 133 29.16 -4.16 8.76
CA SER A 133 29.18 -4.97 9.97
C SER A 133 28.04 -4.59 10.91
N LYS A 134 27.61 -3.33 10.88
CA LYS A 134 26.53 -2.86 11.73
C LYS A 134 25.14 -3.28 11.24
N SER A 135 25.06 -3.90 10.06
CA SER A 135 23.78 -4.35 9.52
C SER A 135 23.75 -5.85 9.26
N THR A 136 24.70 -6.61 9.80
CA THR A 136 24.78 -8.05 9.62
C THR A 136 24.53 -8.76 10.95
N SER A 137 23.73 -9.82 10.90
CA SER A 137 23.49 -10.65 12.08
C SER A 137 23.04 -12.02 11.64
N GLY A 138 23.71 -13.06 12.16
CA GLY A 138 23.30 -14.43 11.88
C GLY A 138 23.44 -14.87 10.45
N GLY A 139 24.43 -14.36 9.73
CA GLY A 139 24.63 -14.73 8.34
C GLY A 139 23.80 -13.97 7.34
N THR A 140 22.95 -13.04 7.78
CA THR A 140 22.16 -12.22 6.89
C THR A 140 22.54 -10.75 7.07
N ALA A 141 22.52 -10.01 5.97
CA ALA A 141 22.81 -8.59 5.98
C ALA A 141 21.60 -7.82 5.45
N ALA A 142 21.42 -6.61 5.94
CA ALA A 142 20.36 -5.73 5.49
C ALA A 142 20.94 -4.58 4.69
N LEU A 143 20.19 -4.14 3.67
CA LEU A 143 20.56 -2.97 2.89
C LEU A 143 19.28 -2.30 2.43
N GLY A 144 19.40 -1.13 1.81
CA GLY A 144 18.20 -0.46 1.37
C GLY A 144 18.48 0.83 0.66
N CYS A 145 17.40 1.60 0.49
CA CYS A 145 17.43 2.90 -0.16
C CYS A 145 16.61 3.89 0.67
N LEU A 146 17.18 5.07 0.89
CA LEU A 146 16.50 6.19 1.52
C LEU A 146 15.97 7.10 0.42
N VAL A 147 14.66 7.26 0.37
CA VAL A 147 13.96 8.04 -0.64
C VAL A 147 13.46 9.31 0.07
N LYS A 148 14.19 10.40 -0.10
CA LYS A 148 14.08 11.57 0.77
C LYS A 148 13.54 12.77 0.01
N ASP A 149 12.66 13.53 0.66
CA ASP A 149 12.25 14.87 0.24
C ASP A 149 11.53 14.86 -1.11
N TYR A 150 10.39 14.20 -1.15
CA TYR A 150 9.52 14.26 -2.32
C TYR A 150 8.12 14.71 -1.92
N PHE A 151 7.34 15.12 -2.93
CA PHE A 151 5.94 15.51 -2.76
C PHE A 151 5.29 15.54 -4.12
N PRO A 152 4.07 15.00 -4.27
CA PRO A 152 3.33 14.32 -3.21
C PRO A 152 3.59 12.82 -3.19
N GLU A 153 2.86 12.11 -2.34
CA GLU A 153 2.80 10.66 -2.45
C GLU A 153 2.16 10.27 -3.78
N PRO A 154 2.43 9.06 -4.28
CA PRO A 154 3.31 8.03 -3.71
C PRO A 154 4.63 7.85 -4.47
N VAL A 155 5.58 7.21 -3.80
CA VAL A 155 6.79 6.68 -4.43
C VAL A 155 6.66 5.16 -4.42
N THR A 156 6.93 4.54 -5.57
CA THR A 156 7.01 3.08 -5.62
C THR A 156 8.48 2.67 -5.66
N VAL A 157 8.79 1.57 -4.97
CA VAL A 157 10.15 1.04 -4.96
C VAL A 157 10.09 -0.43 -5.33
N SER A 158 10.83 -0.82 -6.36
CA SER A 158 11.11 -2.22 -6.62
C SER A 158 12.60 -2.48 -6.38
N TRP A 159 12.99 -3.74 -6.50
CA TRP A 159 14.40 -4.12 -6.35
C TRP A 159 14.75 -5.07 -7.49
N ASN A 160 15.83 -4.75 -8.20
CA ASN A 160 16.26 -5.51 -9.37
C ASN A 160 15.14 -5.64 -10.39
N SER A 161 14.44 -4.53 -10.65
CA SER A 161 13.34 -4.47 -11.61
C SER A 161 12.23 -5.46 -11.26
N GLY A 162 11.99 -5.68 -9.97
CA GLY A 162 10.93 -6.57 -9.52
C GLY A 162 11.38 -7.97 -9.21
N ALA A 163 12.58 -8.38 -9.63
CA ALA A 163 13.06 -9.73 -9.42
C ALA A 163 13.35 -10.05 -7.96
N LEU A 164 13.45 -9.04 -7.09
CA LEU A 164 13.75 -9.23 -5.68
C LEU A 164 12.56 -8.73 -4.87
N THR A 165 11.81 -9.66 -4.27
CA THR A 165 10.65 -9.29 -3.45
C THR A 165 10.72 -9.92 -2.07
N SER A 166 11.40 -11.06 -1.95
CA SER A 166 11.50 -11.74 -0.68
C SER A 166 12.30 -10.91 0.31
N GLY A 167 11.77 -10.78 1.53
CA GLY A 167 12.47 -10.05 2.58
C GLY A 167 12.56 -8.56 2.33
N VAL A 168 11.60 -7.99 1.59
CA VAL A 168 11.61 -6.56 1.25
C VAL A 168 10.58 -5.86 2.12
N HIS A 169 11.00 -4.77 2.75
CA HIS A 169 10.11 -3.91 3.54
C HIS A 169 10.24 -2.49 2.99
N THR A 170 9.25 -2.06 2.21
CA THR A 170 9.12 -0.66 1.83
C THR A 170 8.19 0.00 2.85
N PHE A 171 8.72 0.94 3.61
CA PHE A 171 8.01 1.47 4.76
C PHE A 171 7.01 2.55 4.34
N PRO A 172 5.93 2.71 5.10
CA PRO A 172 5.07 3.88 4.88
C PRO A 172 5.88 5.16 5.05
N ALA A 173 5.66 6.11 4.15
CA ALA A 173 6.41 7.35 4.18
C ALA A 173 6.02 8.17 5.41
N VAL A 174 6.96 9.01 5.85
CA VAL A 174 6.72 9.90 6.98
C VAL A 174 6.69 11.33 6.47
N LEU A 175 5.87 12.15 7.14
CA LEU A 175 5.74 13.57 6.80
C LEU A 175 6.82 14.34 7.55
N GLN A 176 7.69 15.01 6.81
CA GLN A 176 8.71 15.83 7.44
C GLN A 176 8.15 17.21 7.78
N SER A 177 8.81 17.89 8.72
CA SER A 177 8.36 19.21 9.14
C SER A 177 8.40 20.23 8.01
N SER A 178 9.07 19.92 6.90
CA SER A 178 9.09 20.77 5.72
C SER A 178 7.86 20.58 4.84
N GLY A 179 7.04 19.56 5.10
CA GLY A 179 5.91 19.25 4.25
C GLY A 179 6.19 18.21 3.18
N LEU A 180 7.45 17.82 2.99
CA LEU A 180 7.81 16.78 2.03
C LEU A 180 7.84 15.43 2.73
N TYR A 181 7.77 14.38 1.92
CA TYR A 181 7.74 13.01 2.42
C TYR A 181 9.14 12.39 2.38
N SER A 182 9.33 11.40 3.25
CA SER A 182 10.54 10.60 3.27
C SER A 182 10.15 9.15 3.55
N LEU A 183 10.90 8.24 2.94
CA LEU A 183 10.55 6.83 2.91
C LEU A 183 11.83 6.01 2.89
N SER A 184 11.77 4.80 3.40
CA SER A 184 12.91 3.89 3.38
C SER A 184 12.45 2.53 2.89
N SER A 185 13.30 1.87 2.09
CA SER A 185 13.00 0.54 1.57
C SER A 185 14.20 -0.35 1.81
N VAL A 186 14.02 -1.37 2.65
CA VAL A 186 15.12 -2.25 3.02
C VAL A 186 14.84 -3.66 2.53
N VAL A 187 15.89 -4.48 2.51
CA VAL A 187 15.82 -5.88 2.13
C VAL A 187 16.95 -6.61 2.84
N THR A 188 16.64 -7.81 3.32
CA THR A 188 17.62 -8.69 3.95
C THR A 188 18.03 -9.77 2.96
N VAL A 189 19.34 -9.95 2.82
CA VAL A 189 19.93 -10.82 1.81
C VAL A 189 21.00 -11.66 2.51
N PRO A 190 21.53 -12.72 1.89
CA PRO A 190 22.65 -13.43 2.52
C PRO A 190 23.91 -12.58 2.51
N SER A 191 24.64 -12.62 3.62
CA SER A 191 25.90 -11.88 3.67
C SER A 191 26.96 -12.53 2.80
N SER A 192 26.88 -13.86 2.61
CA SER A 192 27.93 -14.57 1.90
C SER A 192 27.98 -14.22 0.42
N SER A 193 26.85 -13.81 -0.16
CA SER A 193 26.77 -13.53 -1.59
C SER A 193 26.77 -12.03 -1.89
N LEU A 194 27.21 -11.20 -0.94
CA LEU A 194 27.30 -9.76 -1.19
C LEU A 194 28.31 -9.43 -2.28
N GLY A 195 29.27 -10.33 -2.54
CA GLY A 195 30.26 -10.09 -3.57
C GLY A 195 29.84 -10.46 -4.97
N THR A 196 28.78 -11.28 -5.11
CA THR A 196 28.37 -11.77 -6.41
C THR A 196 27.01 -11.24 -6.88
N GLN A 197 26.18 -10.75 -5.97
CA GLN A 197 24.86 -10.25 -6.33
C GLN A 197 24.85 -8.73 -6.39
N THR A 198 23.98 -8.19 -7.24
CA THR A 198 23.78 -6.75 -7.35
C THR A 198 22.39 -6.40 -6.85
N TYR A 199 22.30 -5.30 -6.10
CA TYR A 199 21.05 -4.87 -5.51
C TYR A 199 20.81 -3.42 -5.90
N ILE A 200 19.78 -3.20 -6.72
CA ILE A 200 19.43 -1.89 -7.24
C ILE A 200 17.99 -1.61 -6.89
N CYS A 201 17.75 -0.51 -6.19
CA CYS A 201 16.39 -0.08 -5.92
C CYS A 201 15.91 0.80 -7.08
N ASN A 202 14.71 0.49 -7.57
CA ASN A 202 14.06 1.23 -8.65
C ASN A 202 12.98 2.09 -8.01
N VAL A 203 13.26 3.37 -7.89
CA VAL A 203 12.37 4.35 -7.27
C VAL A 203 11.63 5.10 -8.36
N ASN A 204 10.31 5.17 -8.23
CA ASN A 204 9.43 5.76 -9.23
C ASN A 204 8.56 6.80 -8.55
N HIS A 205 8.62 8.03 -9.02
CA HIS A 205 7.78 9.14 -8.57
C HIS A 205 7.08 9.69 -9.81
N LYS A 206 5.87 9.20 -10.06
CA LYS A 206 5.13 9.61 -11.26
C LYS A 206 4.74 11.08 -11.28
N PRO A 207 4.32 11.71 -10.19
CA PRO A 207 3.94 13.13 -10.28
C PRO A 207 5.03 14.05 -10.78
N SER A 208 6.30 13.70 -10.55
CA SER A 208 7.42 14.53 -11.00
C SER A 208 8.17 13.88 -12.16
N ASN A 209 7.65 12.79 -12.72
CA ASN A 209 8.30 12.07 -13.81
C ASN A 209 9.72 11.66 -13.45
N THR A 210 9.91 11.28 -12.19
CA THR A 210 11.23 10.89 -11.70
C THR A 210 11.36 9.38 -11.67
N LYS A 211 12.42 8.88 -12.28
CA LYS A 211 12.79 7.47 -12.19
C LYS A 211 14.26 7.40 -11.81
N VAL A 212 14.56 6.80 -10.68
CA VAL A 212 15.92 6.69 -10.17
C VAL A 212 16.23 5.22 -9.92
N ASP A 213 17.37 4.75 -10.41
CA ASP A 213 17.85 3.42 -10.11
C ASP A 213 19.16 3.57 -9.35
N LYS A 214 19.23 2.98 -8.15
CA LYS A 214 20.39 3.15 -7.29
C LYS A 214 20.96 1.79 -6.93
N LYS A 215 22.23 1.59 -7.26
CA LYS A 215 22.96 0.37 -6.92
C LYS A 215 23.51 0.49 -5.51
N VAL A 216 23.03 -0.37 -4.60
CA VAL A 216 23.41 -0.30 -3.20
C VAL A 216 24.58 -1.24 -2.98
N GLU A 217 25.75 -0.67 -2.69
CA GLU A 217 26.95 -1.46 -2.51
C GLU A 217 27.41 -1.45 -1.06
N PRO A 218 28.07 -2.51 -0.61
CA PRO A 218 28.59 -2.51 0.77
C PRO A 218 29.77 -1.56 0.92
N LYS A 219 29.80 -0.88 2.06
CA LYS A 219 30.91 -0.01 2.43
C LYS A 219 31.31 -0.38 3.85
N SER A 220 32.57 -0.83 4.02
CA SER A 220 33.01 -1.29 5.33
C SER A 220 33.26 -0.13 6.28
N CYS A 221 34.23 0.71 5.96
CA CYS A 221 34.62 1.81 6.83
C CYS A 221 35.51 2.80 6.10
N ASP B 1 -29.81 5.29 -1.26
CA ASP B 1 -29.04 4.09 -1.60
C ASP B 1 -29.02 3.12 -0.42
N VAL B 2 -28.45 1.94 -0.65
CA VAL B 2 -28.39 0.89 0.37
C VAL B 2 -27.05 0.96 1.09
N LEU B 3 -27.11 0.99 2.42
CA LEU B 3 -25.93 1.13 3.26
C LEU B 3 -25.49 -0.25 3.74
N MET B 4 -24.22 -0.58 3.50
CA MET B 4 -23.64 -1.85 3.95
C MET B 4 -22.87 -1.61 5.24
N THR B 5 -23.16 -2.41 6.26
CA THR B 5 -22.59 -2.25 7.59
C THR B 5 -21.72 -3.46 7.90
N GLN B 6 -20.41 -3.25 7.94
CA GLN B 6 -19.47 -4.28 8.35
C GLN B 6 -19.18 -4.16 9.84
N THR B 7 -18.96 -5.31 10.47
CA THR B 7 -18.65 -5.38 11.90
C THR B 7 -17.96 -6.69 12.21
N PRO B 8 -16.82 -6.65 12.94
CA PRO B 8 -16.20 -5.39 13.38
C PRO B 8 -15.48 -4.67 12.25
N LEU B 9 -15.01 -3.45 12.51
CA LEU B 9 -14.20 -2.74 11.53
C LEU B 9 -12.72 -3.06 11.67
N SER B 10 -12.34 -3.80 12.71
CA SER B 10 -11.00 -4.36 12.86
C SER B 10 -11.17 -5.64 13.67
N LEU B 11 -10.55 -6.73 13.20
CA LEU B 11 -10.81 -8.05 13.76
C LEU B 11 -9.50 -8.76 14.06
N PRO B 12 -9.10 -8.82 15.33
CA PRO B 12 -7.91 -9.60 15.71
C PRO B 12 -8.27 -11.07 15.85
N VAL B 13 -7.35 -11.92 15.40
CA VAL B 13 -7.56 -13.37 15.46
C VAL B 13 -6.21 -14.04 15.62
N SER B 14 -6.13 -15.01 16.52
CA SER B 14 -4.91 -15.79 16.68
C SER B 14 -4.67 -16.66 15.45
N LEU B 15 -3.40 -17.00 15.23
CA LEU B 15 -3.04 -17.80 14.07
C LEU B 15 -3.69 -19.17 14.14
N GLY B 16 -4.18 -19.64 12.99
CA GLY B 16 -4.86 -20.92 12.92
C GLY B 16 -6.28 -20.93 13.45
N ASP B 17 -6.75 -19.84 14.03
CA ASP B 17 -8.07 -19.78 14.63
C ASP B 17 -9.11 -19.36 13.59
N GLN B 18 -10.34 -19.16 14.03
CA GLN B 18 -11.43 -18.77 13.15
C GLN B 18 -11.74 -17.28 13.29
N ALA B 19 -12.31 -16.72 12.23
CA ALA B 19 -12.72 -15.32 12.22
C ALA B 19 -14.00 -15.20 11.40
N SER B 20 -14.86 -14.27 11.80
CA SER B 20 -16.13 -14.05 11.12
C SER B 20 -16.38 -12.56 11.02
N ILE B 21 -16.79 -12.12 9.82
CA ILE B 21 -17.09 -10.73 9.53
C ILE B 21 -18.56 -10.63 9.17
N SER B 22 -19.29 -9.76 9.86
CA SER B 22 -20.72 -9.59 9.64
C SER B 22 -20.97 -8.38 8.75
N CYS B 23 -21.74 -8.57 7.69
CA CYS B 23 -22.08 -7.51 6.76
C CYS B 23 -23.59 -7.48 6.58
N LYS B 24 -24.20 -6.34 6.87
CA LYS B 24 -25.65 -6.20 6.87
C LYS B 24 -26.06 -5.09 5.90
N SER B 25 -27.01 -5.40 5.02
CA SER B 25 -27.50 -4.43 4.05
C SER B 25 -28.76 -3.76 4.57
N SER B 26 -28.85 -2.44 4.34
CA SER B 26 -29.97 -1.66 4.87
C SER B 26 -31.27 -2.00 4.17
N GLN B 27 -31.23 -2.29 2.87
CA GLN B 27 -32.38 -2.75 2.12
C GLN B 27 -32.16 -4.20 1.70
N SER B 28 -33.17 -4.76 1.04
CA SER B 28 -32.97 -6.01 0.33
C SER B 28 -32.04 -5.80 -0.84
N ILE B 29 -31.19 -6.78 -1.12
CA ILE B 29 -30.28 -6.67 -2.25
C ILE B 29 -30.45 -7.88 -3.15
N VAL B 30 -31.57 -8.57 -3.01
CA VAL B 30 -31.89 -9.66 -3.93
C VAL B 30 -32.22 -9.08 -5.30
N TYR B 31 -31.56 -9.59 -6.33
CA TYR B 31 -31.89 -9.19 -7.69
C TYR B 31 -33.19 -9.86 -8.09
N LYS B 32 -33.95 -9.17 -8.96
CA LYS B 32 -35.34 -9.51 -9.22
C LYS B 32 -35.59 -11.02 -9.30
N ASP B 33 -34.70 -11.74 -9.98
CA ASP B 33 -34.92 -13.19 -10.11
C ASP B 33 -33.79 -14.01 -9.49
N GLY B 34 -32.53 -13.55 -9.57
CA GLY B 34 -31.41 -14.31 -9.10
C GLY B 34 -30.91 -13.73 -7.80
N ASN B 35 -30.03 -14.50 -7.16
CA ASN B 35 -29.57 -14.25 -5.80
C ASN B 35 -29.03 -12.84 -5.60
N SER B 36 -29.03 -12.39 -4.35
CA SER B 36 -28.39 -11.13 -4.00
C SER B 36 -26.94 -11.11 -4.46
N TYR B 37 -26.57 -10.05 -5.16
CA TYR B 37 -25.20 -9.92 -5.67
C TYR B 37 -24.32 -9.30 -4.58
N LEU B 38 -24.04 -10.13 -3.57
CA LEU B 38 -23.23 -9.76 -2.42
C LEU B 38 -21.84 -10.37 -2.62
N GLU B 39 -20.84 -9.51 -2.79
CA GLU B 39 -19.47 -9.93 -3.06
C GLU B 39 -18.55 -9.52 -1.93
N TRP B 40 -17.55 -10.35 -1.68
CA TRP B 40 -16.51 -10.11 -0.69
C TRP B 40 -15.17 -9.96 -1.38
N TYR B 41 -14.45 -8.90 -1.04
CA TYR B 41 -13.12 -8.60 -1.57
C TYR B 41 -12.12 -8.47 -0.43
N LEU B 42 -10.85 -8.69 -0.76
CA LEU B 42 -9.76 -8.50 0.17
C LEU B 42 -8.72 -7.59 -0.46
N GLN B 43 -8.17 -6.68 0.36
CA GLN B 43 -7.14 -5.76 -0.11
C GLN B 43 -5.97 -5.76 0.86
N LYS B 44 -4.76 -5.82 0.32
CA LYS B 44 -3.55 -5.66 1.10
C LYS B 44 -2.98 -4.26 0.90
N VAL B 45 -2.15 -3.83 1.85
CA VAL B 45 -1.53 -2.51 1.76
C VAL B 45 -0.69 -2.44 0.49
N GLY B 46 -1.02 -1.49 -0.39
CA GLY B 46 -0.29 -1.33 -1.62
C GLY B 46 -0.70 -2.27 -2.73
N GLN B 47 -1.92 -2.80 -2.70
CA GLN B 47 -2.40 -3.69 -3.74
C GLN B 47 -3.83 -3.33 -4.09
N SER B 48 -4.25 -3.74 -5.29
CA SER B 48 -5.65 -3.63 -5.66
C SER B 48 -6.47 -4.64 -4.87
N PRO B 49 -7.75 -4.36 -4.65
CA PRO B 49 -8.62 -5.36 -4.01
C PRO B 49 -8.70 -6.62 -4.86
N LYS B 50 -8.88 -7.76 -4.19
CA LYS B 50 -8.98 -9.06 -4.83
C LYS B 50 -10.32 -9.69 -4.51
N LEU B 51 -10.95 -10.29 -5.51
CA LEU B 51 -12.26 -10.88 -5.34
C LEU B 51 -12.16 -12.25 -4.67
N LEU B 52 -12.93 -12.44 -3.60
CA LEU B 52 -13.03 -13.72 -2.93
C LEU B 52 -14.40 -14.37 -3.11
N ILE B 53 -15.48 -13.62 -2.89
CA ILE B 53 -16.82 -14.18 -2.91
C ILE B 53 -17.71 -13.35 -3.83
N TYR B 54 -18.62 -14.02 -4.53
CA TYR B 54 -19.66 -13.38 -5.32
C TYR B 54 -20.93 -14.21 -5.13
N ARG B 55 -22.10 -13.56 -5.18
CA ARG B 55 -23.33 -14.34 -5.16
C ARG B 55 -23.40 -15.20 -3.90
N VAL B 56 -23.90 -14.64 -2.81
CA VAL B 56 -23.31 -14.62 -1.47
C VAL B 56 -22.36 -15.74 -1.08
N SER B 57 -22.49 -16.93 -1.66
CA SER B 57 -21.75 -18.09 -1.13
C SER B 57 -20.83 -18.77 -2.14
N ASN B 58 -20.42 -18.08 -3.21
CA ASN B 58 -19.60 -18.70 -4.25
C ASN B 58 -18.15 -18.22 -4.12
N ARG B 59 -17.26 -19.15 -3.80
CA ARG B 59 -15.83 -18.85 -3.81
C ARG B 59 -15.34 -18.59 -5.22
N PHE B 60 -14.50 -17.57 -5.37
CA PHE B 60 -13.92 -17.24 -6.65
C PHE B 60 -12.74 -18.17 -6.96
N SER B 61 -12.42 -18.29 -8.25
CA SER B 61 -11.40 -19.24 -8.70
C SER B 61 -10.07 -18.99 -8.02
N GLY B 62 -9.51 -20.04 -7.43
CA GLY B 62 -8.21 -19.96 -6.78
C GLY B 62 -8.25 -19.60 -5.32
N VAL B 63 -9.42 -19.30 -4.77
CA VAL B 63 -9.52 -18.87 -3.38
C VAL B 63 -9.53 -20.12 -2.48
N PRO B 64 -8.72 -20.14 -1.43
CA PRO B 64 -8.73 -21.30 -0.52
C PRO B 64 -10.13 -21.59 0.02
N ASP B 65 -10.44 -22.89 0.16
CA ASP B 65 -11.72 -23.30 0.70
C ASP B 65 -11.94 -22.87 2.14
N ARG B 66 -10.90 -22.35 2.80
CA ARG B 66 -11.04 -21.84 4.16
C ARG B 66 -11.93 -20.62 4.24
N PHE B 67 -12.20 -19.96 3.11
CA PHE B 67 -13.12 -18.83 3.05
C PHE B 67 -14.50 -19.34 2.69
N SER B 68 -15.50 -18.94 3.47
CA SER B 68 -16.88 -19.35 3.20
C SER B 68 -17.81 -18.18 3.42
N GLY B 69 -18.66 -17.90 2.44
CA GLY B 69 -19.64 -16.84 2.52
C GLY B 69 -21.03 -17.41 2.74
N SER B 70 -21.85 -16.68 3.48
CA SER B 70 -23.20 -17.15 3.77
C SER B 70 -24.09 -15.94 4.06
N GLY B 71 -25.38 -16.22 4.22
CA GLY B 71 -26.34 -15.18 4.55
C GLY B 71 -27.63 -15.32 3.77
N SER B 72 -28.66 -14.60 4.21
CA SER B 72 -29.92 -14.53 3.48
C SER B 72 -30.60 -13.23 3.85
N GLY B 73 -31.60 -12.86 3.04
CA GLY B 73 -32.25 -11.57 3.21
C GLY B 73 -31.26 -10.44 3.14
N THR B 74 -31.00 -9.81 4.29
CA THR B 74 -30.04 -8.70 4.38
C THR B 74 -28.88 -9.00 5.31
N ASP B 75 -28.74 -10.24 5.78
CA ASP B 75 -27.71 -10.60 6.75
C ASP B 75 -26.70 -11.52 6.07
N PHE B 76 -25.43 -11.12 6.11
CA PHE B 76 -24.36 -11.84 5.42
C PHE B 76 -23.16 -11.99 6.33
N THR B 77 -22.40 -13.05 6.10
CA THR B 77 -21.29 -13.41 6.98
C THR B 77 -20.18 -14.05 6.17
N LEU B 78 -18.95 -13.58 6.39
CA LEU B 78 -17.75 -14.23 5.88
C LEU B 78 -17.05 -14.96 7.01
N LYS B 79 -16.59 -16.17 6.73
CA LYS B 79 -15.93 -17.01 7.73
C LYS B 79 -14.60 -17.49 7.17
N ILE B 80 -13.53 -17.22 7.90
CA ILE B 80 -12.21 -17.76 7.58
C ILE B 80 -11.79 -18.64 8.75
N SER B 81 -11.79 -19.95 8.52
CA SER B 81 -11.21 -20.89 9.46
C SER B 81 -9.75 -21.13 9.08
N ARG B 82 -8.92 -21.36 10.10
CA ARG B 82 -7.48 -21.56 9.90
C ARG B 82 -6.90 -20.36 9.15
N VAL B 83 -6.86 -19.24 9.86
CA VAL B 83 -6.37 -18.00 9.26
C VAL B 83 -4.84 -18.03 9.22
N GLU B 84 -4.29 -17.70 8.05
CA GLU B 84 -2.86 -17.61 7.84
C GLU B 84 -2.48 -16.16 7.55
N ALA B 85 -1.17 -15.89 7.65
CA ALA B 85 -0.68 -14.53 7.43
C ALA B 85 -0.99 -14.03 6.02
N GLU B 86 -1.24 -14.93 5.07
CA GLU B 86 -1.61 -14.54 3.72
C GLU B 86 -3.00 -13.94 3.63
N ASP B 87 -3.82 -14.11 4.67
CA ASP B 87 -5.19 -13.59 4.70
C ASP B 87 -5.28 -12.20 5.32
N LEU B 88 -4.16 -11.53 5.54
CA LEU B 88 -4.16 -10.22 6.15
C LEU B 88 -4.68 -9.16 5.17
N GLY B 89 -5.31 -8.14 5.71
CA GLY B 89 -5.75 -7.02 4.92
C GLY B 89 -7.13 -6.56 5.34
N VAL B 90 -7.74 -5.75 4.49
CA VAL B 90 -9.06 -5.20 4.71
C VAL B 90 -10.04 -5.98 3.83
N TYR B 91 -11.02 -6.61 4.45
CA TYR B 91 -12.10 -7.29 3.75
C TYR B 91 -13.27 -6.34 3.61
N TYR B 92 -13.70 -6.12 2.37
CA TYR B 92 -14.87 -5.29 2.07
C TYR B 92 -15.99 -6.18 1.55
N CYS B 93 -17.19 -6.00 2.08
CA CYS B 93 -18.37 -6.56 1.44
C CYS B 93 -18.96 -5.51 0.49
N PHE B 94 -19.86 -5.95 -0.38
CA PHE B 94 -20.25 -5.10 -1.49
C PHE B 94 -21.54 -5.63 -2.10
N GLN B 95 -22.45 -4.71 -2.42
CA GLN B 95 -23.70 -5.06 -3.11
C GLN B 95 -23.66 -4.53 -4.54
N GLY B 96 -24.15 -5.32 -5.47
CA GLY B 96 -24.08 -4.96 -6.88
C GLY B 96 -25.38 -5.11 -7.64
N THR B 97 -26.51 -4.90 -6.97
CA THR B 97 -27.81 -4.98 -7.61
C THR B 97 -28.46 -3.62 -7.79
N HIS B 98 -28.49 -2.80 -6.74
CA HIS B 98 -29.16 -1.50 -6.78
C HIS B 98 -28.13 -0.40 -6.95
N LEU B 99 -28.36 0.45 -7.95
CA LEU B 99 -27.47 1.59 -8.17
C LEU B 99 -27.74 2.67 -7.13
N PRO B 100 -26.71 3.37 -6.65
CA PRO B 100 -25.30 3.07 -6.94
C PRO B 100 -24.77 1.96 -6.05
N TYR B 101 -23.89 1.13 -6.61
CA TYR B 101 -23.32 0.04 -5.83
C TYR B 101 -22.53 0.59 -4.65
N THR B 102 -22.52 -0.16 -3.55
CA THR B 102 -21.93 0.34 -2.31
C THR B 102 -21.07 -0.75 -1.67
N PHE B 103 -20.10 -0.30 -0.88
CA PHE B 103 -19.21 -1.17 -0.12
C PHE B 103 -19.44 -0.96 1.37
N GLY B 104 -19.07 -1.97 2.15
CA GLY B 104 -18.98 -1.79 3.58
C GLY B 104 -17.73 -1.04 3.96
N GLY B 105 -17.67 -0.63 5.22
CA GLY B 105 -16.55 0.16 5.70
C GLY B 105 -15.21 -0.57 5.72
N GLY B 106 -15.22 -1.87 5.47
CA GLY B 106 -13.98 -2.63 5.54
C GLY B 106 -13.71 -3.18 6.92
N THR B 107 -12.98 -4.29 6.96
CA THR B 107 -12.67 -4.96 8.22
C THR B 107 -11.22 -5.44 8.17
N LYS B 108 -10.40 -4.96 9.11
CA LYS B 108 -8.97 -5.22 9.10
C LYS B 108 -8.69 -6.50 9.90
N LEU B 109 -8.23 -7.54 9.19
CA LEU B 109 -7.83 -8.77 9.84
C LEU B 109 -6.38 -8.66 10.31
N GLU B 110 -6.16 -8.91 11.61
CA GLU B 110 -4.85 -8.75 12.22
C GLU B 110 -4.48 -10.01 12.99
N MET B 111 -3.27 -10.50 12.75
CA MET B 111 -2.79 -11.72 13.40
C MET B 111 -2.34 -11.46 14.83
N LYS B 112 -2.71 -12.37 15.72
CA LYS B 112 -2.00 -12.56 16.98
C LYS B 112 -0.99 -13.69 16.80
N ARG B 113 0.13 -13.57 17.48
CA ARG B 113 1.28 -14.39 17.15
C ARG B 113 2.25 -14.37 18.33
N THR B 114 3.13 -15.37 18.37
CA THR B 114 4.11 -15.46 19.44
C THR B 114 5.05 -14.26 19.43
N VAL B 115 5.69 -14.03 20.57
CA VAL B 115 6.60 -12.89 20.72
C VAL B 115 7.85 -13.11 19.88
N ALA B 116 8.30 -12.05 19.23
CA ALA B 116 9.51 -12.09 18.40
C ALA B 116 10.31 -10.82 18.62
N ALA B 117 11.60 -10.97 18.97
CA ALA B 117 12.47 -9.83 19.22
C ALA B 117 12.92 -9.21 17.90
N PRO B 118 13.12 -7.89 17.86
CA PRO B 118 13.50 -7.23 16.61
C PRO B 118 14.98 -7.37 16.31
N SER B 119 15.29 -7.53 15.03
CA SER B 119 16.68 -7.44 14.60
C SER B 119 17.04 -5.98 14.38
N VAL B 120 18.04 -5.48 15.10
CA VAL B 120 18.38 -4.06 15.08
C VAL B 120 19.61 -3.86 14.22
N PHE B 121 19.51 -2.92 13.27
CA PHE B 121 20.63 -2.54 12.42
C PHE B 121 20.67 -1.02 12.33
N ILE B 122 21.83 -0.49 11.96
CA ILE B 122 22.02 0.95 11.86
C ILE B 122 22.83 1.26 10.61
N PHE B 123 22.47 2.36 9.95
CA PHE B 123 23.06 2.78 8.68
C PHE B 123 23.49 4.23 8.82
N PRO B 124 24.80 4.50 8.82
CA PRO B 124 25.28 5.88 8.81
C PRO B 124 24.86 6.59 7.53
N PRO B 125 24.93 7.92 7.51
CA PRO B 125 24.59 8.65 6.28
C PRO B 125 25.58 8.34 5.17
N SER B 126 25.08 8.36 3.94
CA SER B 126 25.93 8.19 2.78
C SER B 126 26.66 9.49 2.46
N ASP B 127 27.85 9.36 1.87
CA ASP B 127 28.61 10.54 1.50
C ASP B 127 27.87 11.38 0.46
N GLU B 128 27.07 10.74 -0.40
CA GLU B 128 26.29 11.48 -1.38
C GLU B 128 25.32 12.44 -0.70
N GLN B 129 24.74 12.03 0.43
CA GLN B 129 23.88 12.94 1.19
C GLN B 129 24.70 13.89 2.04
N LEU B 130 25.83 13.44 2.57
CA LEU B 130 26.69 14.32 3.35
C LEU B 130 27.13 15.53 2.53
N LYS B 131 27.38 15.34 1.23
CA LYS B 131 27.77 16.45 0.39
C LYS B 131 26.61 17.41 0.12
N SER B 132 25.37 16.96 0.33
CA SER B 132 24.21 17.83 0.15
C SER B 132 24.01 18.78 1.31
N GLY B 133 24.67 18.53 2.46
CA GLY B 133 24.52 19.36 3.64
C GLY B 133 23.71 18.71 4.74
N THR B 134 23.09 17.56 4.48
CA THR B 134 22.26 16.87 5.45
C THR B 134 22.87 15.50 5.75
N ALA B 135 22.41 14.90 6.85
CA ALA B 135 22.91 13.61 7.29
C ALA B 135 21.78 12.88 8.01
N SER B 136 21.30 11.80 7.41
CA SER B 136 20.26 10.96 8.00
C SER B 136 20.88 9.64 8.43
N VAL B 137 20.76 9.31 9.72
CA VAL B 137 21.15 8.02 10.25
C VAL B 137 19.90 7.19 10.41
N VAL B 138 19.90 5.97 9.87
CA VAL B 138 18.70 5.14 9.82
C VAL B 138 18.88 3.92 10.71
N CYS B 139 17.96 3.74 11.66
CA CYS B 139 17.88 2.53 12.47
C CYS B 139 16.72 1.67 11.97
N LEU B 140 17.00 0.39 11.76
CA LEU B 140 16.01 -0.58 11.29
C LEU B 140 15.77 -1.63 12.37
N LEU B 141 14.50 -1.87 12.67
CA LEU B 141 14.05 -2.91 13.59
C LEU B 141 13.23 -3.90 12.77
N ASN B 142 13.77 -5.08 12.52
CA ASN B 142 13.24 -5.99 11.51
C ASN B 142 12.55 -7.17 12.16
N ASN B 143 11.30 -7.40 11.75
CA ASN B 143 10.54 -8.64 11.96
C ASN B 143 10.42 -8.96 13.46
N PHE B 144 9.69 -8.07 14.14
CA PHE B 144 9.38 -8.26 15.54
C PHE B 144 7.87 -8.37 15.74
N TYR B 145 7.48 -8.92 16.90
CA TYR B 145 6.11 -8.97 17.34
C TYR B 145 6.15 -8.96 18.85
N PRO B 146 5.32 -8.14 19.53
CA PRO B 146 4.29 -7.29 18.94
C PRO B 146 4.78 -5.96 18.39
N ARG B 147 3.82 -5.15 17.90
CA ARG B 147 4.15 -3.95 17.15
C ARG B 147 4.81 -2.87 18.02
N GLU B 148 4.53 -2.88 19.31
CA GLU B 148 4.99 -1.80 20.20
C GLU B 148 6.49 -1.95 20.45
N ALA B 149 7.25 -0.89 20.15
CA ALA B 149 8.69 -0.88 20.34
C ALA B 149 9.15 0.54 20.60
N LYS B 150 10.18 0.67 21.43
CA LYS B 150 10.74 1.96 21.82
C LYS B 150 12.10 2.15 21.16
N VAL B 151 12.28 3.27 20.48
CA VAL B 151 13.53 3.61 19.81
C VAL B 151 14.00 4.97 20.32
N GLN B 152 15.22 5.02 20.85
CA GLN B 152 15.82 6.25 21.35
C GLN B 152 17.17 6.44 20.69
N TRP B 153 17.42 7.65 20.18
CA TRP B 153 18.69 7.96 19.55
C TRP B 153 19.63 8.60 20.56
N LYS B 154 20.93 8.30 20.43
CA LYS B 154 21.93 8.84 21.33
C LYS B 154 23.13 9.29 20.52
N VAL B 155 23.47 10.57 20.65
CA VAL B 155 24.59 11.16 19.94
C VAL B 155 25.62 11.60 20.98
N ASP B 156 26.77 10.93 20.98
CA ASP B 156 27.80 11.11 22.02
C ASP B 156 27.21 10.87 23.40
N ASN B 157 26.39 9.82 23.51
CA ASN B 157 25.69 9.38 24.72
C ASN B 157 24.58 10.34 25.15
N ALA B 158 24.40 11.47 24.46
CA ALA B 158 23.37 12.43 24.80
C ALA B 158 22.06 12.03 24.11
N LEU B 159 21.05 11.69 24.91
CA LEU B 159 19.76 11.29 24.35
C LEU B 159 19.17 12.41 23.50
N GLN B 160 18.62 12.03 22.35
CA GLN B 160 18.10 12.97 21.36
C GLN B 160 16.61 13.16 21.51
N SER B 161 16.12 14.30 21.03
CA SER B 161 14.71 14.64 21.14
C SER B 161 14.35 15.64 20.05
N GLY B 162 13.33 15.33 19.27
CA GLY B 162 12.77 16.25 18.31
C GLY B 162 13.40 16.26 16.94
N ASN B 163 14.19 15.24 16.59
CA ASN B 163 14.89 15.24 15.31
C ASN B 163 14.84 13.89 14.60
N SER B 164 13.84 13.05 14.91
CA SER B 164 13.74 11.73 14.32
C SER B 164 12.29 11.42 14.00
N GLN B 165 12.09 10.59 12.97
CA GLN B 165 10.76 10.13 12.59
C GLN B 165 10.81 8.64 12.34
N GLU B 166 9.71 7.95 12.64
CA GLU B 166 9.68 6.50 12.49
C GLU B 166 8.36 6.08 11.87
N SER B 167 8.40 4.96 11.14
CA SER B 167 7.17 4.36 10.63
C SER B 167 7.26 2.86 10.75
N VAL B 168 6.10 2.23 10.95
CA VAL B 168 5.98 0.79 11.08
C VAL B 168 5.27 0.25 9.84
N THR B 169 5.65 -0.95 9.43
CA THR B 169 5.02 -1.57 8.28
C THR B 169 3.65 -2.12 8.67
N GLU B 170 2.84 -2.38 7.65
CA GLU B 170 1.70 -3.27 7.83
C GLU B 170 2.20 -4.65 8.26
N GLN B 171 1.31 -5.43 8.86
CA GLN B 171 1.71 -6.76 9.30
C GLN B 171 2.19 -7.59 8.12
N ASP B 172 3.24 -8.38 8.35
CA ASP B 172 3.86 -9.16 7.28
C ASP B 172 2.94 -10.30 6.86
N SER B 173 2.79 -10.47 5.55
CA SER B 173 1.88 -11.47 5.00
C SER B 173 2.43 -12.89 5.03
N LYS B 174 3.65 -13.09 5.52
CA LYS B 174 4.24 -14.42 5.58
C LYS B 174 4.56 -14.89 6.99
N ASP B 175 4.92 -13.98 7.91
CA ASP B 175 5.25 -14.38 9.28
C ASP B 175 4.57 -13.51 10.33
N SER B 176 3.63 -12.65 9.93
CA SER B 176 2.79 -11.90 10.86
C SER B 176 3.60 -10.97 11.78
N THR B 177 4.75 -10.50 11.30
CA THR B 177 5.60 -9.62 12.09
C THR B 177 5.48 -8.18 11.60
N TYR B 178 6.12 -7.28 12.34
CA TYR B 178 6.19 -5.87 12.00
C TYR B 178 7.64 -5.44 11.87
N SER B 179 7.85 -4.38 11.09
CA SER B 179 9.16 -3.77 10.96
C SER B 179 9.04 -2.27 11.16
N LEU B 180 10.11 -1.65 11.64
CA LEU B 180 10.13 -0.26 12.02
C LEU B 180 11.36 0.40 11.45
N SER B 181 11.20 1.58 10.87
CA SER B 181 12.31 2.36 10.34
C SER B 181 12.29 3.73 11.00
N SER B 182 13.38 4.07 11.69
CA SER B 182 13.53 5.33 12.37
C SER B 182 14.70 6.09 11.76
N THR B 183 14.50 7.37 11.47
CA THR B 183 15.50 8.21 10.82
C THR B 183 15.78 9.41 11.71
N LEU B 184 17.05 9.58 12.08
CA LEU B 184 17.52 10.75 12.79
C LEU B 184 18.16 11.69 11.76
N THR B 185 17.65 12.91 11.67
CA THR B 185 18.12 13.88 10.70
C THR B 185 18.91 14.97 11.41
N LEU B 186 20.20 15.06 11.11
CA LEU B 186 21.04 16.17 11.52
C LEU B 186 21.60 16.86 10.29
N SER B 187 22.17 18.05 10.49
CA SER B 187 22.91 18.67 9.42
C SER B 187 24.30 18.06 9.32
N LYS B 188 24.98 18.34 8.20
CA LYS B 188 26.34 17.83 8.02
C LYS B 188 27.28 18.38 9.10
N ALA B 189 27.09 19.63 9.48
CA ALA B 189 27.89 20.21 10.55
C ALA B 189 27.65 19.47 11.86
N ASP B 190 26.39 19.40 12.29
CA ASP B 190 26.05 18.74 13.55
C ASP B 190 26.49 17.28 13.54
N TYR B 191 26.30 16.59 12.40
CA TYR B 191 26.74 15.20 12.31
C TYR B 191 28.25 15.09 12.46
N GLU B 192 28.99 15.93 11.73
CA GLU B 192 30.44 15.84 11.74
C GLU B 192 31.08 16.35 13.02
N LYS B 193 30.33 17.05 13.88
CA LYS B 193 30.86 17.52 15.15
C LYS B 193 30.73 16.48 16.27
N HIS B 194 29.86 15.49 16.10
CA HIS B 194 29.78 14.37 17.02
C HIS B 194 30.23 13.08 16.32
N LYS B 195 30.62 12.08 17.12
CA LYS B 195 31.33 10.90 16.63
C LYS B 195 30.57 9.59 16.79
N VAL B 196 30.03 9.28 17.98
CA VAL B 196 29.39 7.99 18.23
C VAL B 196 27.88 8.14 18.12
N TYR B 197 27.26 7.27 17.33
CA TYR B 197 25.84 7.34 17.03
C TYR B 197 25.20 6.02 17.37
N ALA B 198 24.19 6.05 18.23
CA ALA B 198 23.63 4.84 18.81
C ALA B 198 22.11 4.85 18.69
N CYS B 199 21.55 3.70 18.33
CA CYS B 199 20.11 3.47 18.32
C CYS B 199 19.79 2.43 19.39
N GLU B 200 18.96 2.82 20.35
CA GLU B 200 18.62 1.97 21.48
C GLU B 200 17.18 1.51 21.38
N VAL B 201 16.97 0.20 21.53
CA VAL B 201 15.70 -0.45 21.26
C VAL B 201 15.21 -1.16 22.51
N THR B 202 13.98 -0.88 22.91
CA THR B 202 13.28 -1.61 23.96
C THR B 202 12.12 -2.35 23.33
N HIS B 203 11.98 -3.63 23.67
CA HIS B 203 10.91 -4.45 23.13
C HIS B 203 10.67 -5.63 24.06
N GLN B 204 9.45 -6.18 23.99
CA GLN B 204 9.07 -7.27 24.88
C GLN B 204 9.98 -8.49 24.70
N GLY B 205 10.40 -8.77 23.47
CA GLY B 205 11.25 -9.91 23.20
C GLY B 205 12.69 -9.78 23.67
N LEU B 206 13.07 -8.64 24.23
CA LEU B 206 14.43 -8.41 24.69
C LEU B 206 14.46 -8.37 26.22
N SER B 207 15.45 -9.05 26.79
CA SER B 207 15.63 -9.01 28.25
C SER B 207 16.10 -7.64 28.72
N SER B 208 16.89 -6.96 27.90
CA SER B 208 17.38 -5.63 28.20
C SER B 208 17.46 -4.85 26.89
N PRO B 209 17.38 -3.52 26.93
CA PRO B 209 17.46 -2.74 25.70
C PRO B 209 18.75 -3.02 24.93
N VAL B 210 18.68 -2.89 23.61
CA VAL B 210 19.77 -3.22 22.72
C VAL B 210 20.26 -1.94 22.05
N THR B 211 21.55 -1.65 22.18
CA THR B 211 22.16 -0.51 21.52
C THR B 211 22.91 -0.99 20.28
N LYS B 212 22.69 -0.30 19.16
CA LYS B 212 23.46 -0.51 17.94
C LYS B 212 24.16 0.80 17.62
N SER B 213 25.49 0.78 17.67
CA SER B 213 26.28 1.99 17.60
C SER B 213 27.26 1.94 16.43
N PHE B 214 27.74 3.12 16.05
CA PHE B 214 28.85 3.22 15.11
C PHE B 214 29.61 4.51 15.39
N ASN B 215 30.87 4.52 15.00
CA ASN B 215 31.74 5.68 15.14
C ASN B 215 31.95 6.30 13.76
N ARG B 216 31.79 7.62 13.68
CA ARG B 216 31.89 8.30 12.39
C ARG B 216 33.28 8.13 11.79
N GLY B 217 34.31 8.13 12.62
CA GLY B 217 35.61 7.67 12.17
C GLY B 217 35.59 6.17 12.31
N GLU B 218 35.24 5.49 11.22
CA GLU B 218 34.66 4.16 11.29
C GLU B 218 35.71 3.11 11.65
N CYS B 219 35.22 1.88 11.83
CA CYS B 219 36.02 0.68 12.08
C CYS B 219 37.20 0.91 13.02
N ALA C 1 -21.63 -7.78 -9.34
CA ALA C 1 -22.49 -6.71 -9.83
C ALA C 1 -23.40 -7.20 -10.95
N VAL C 2 -24.66 -6.76 -10.92
CA VAL C 2 -25.60 -7.07 -11.99
C VAL C 2 -25.10 -6.51 -13.32
N GLY C 3 -24.45 -5.35 -13.28
CA GLY C 3 -24.06 -4.62 -14.47
C GLY C 3 -24.97 -3.43 -14.70
N ILE C 4 -24.65 -2.67 -15.73
CA ILE C 4 -25.42 -1.48 -16.09
C ILE C 4 -25.99 -1.52 -17.49
N GLY C 5 -25.51 -2.43 -18.36
CA GLY C 5 -25.94 -2.47 -19.74
C GLY C 5 -26.95 -3.58 -20.01
N ALA C 6 -27.40 -3.62 -21.27
CA ALA C 6 -28.28 -4.66 -21.77
C ALA C 6 -27.49 -5.80 -22.38
N VAL C 7 -26.40 -5.46 -23.06
CA VAL C 7 -25.49 -6.42 -23.69
C VAL C 7 -24.09 -5.82 -23.58
N PHE C 8 -23.10 -6.67 -23.30
CA PHE C 8 -21.75 -6.24 -22.94
C PHE C 8 -21.77 -5.47 -21.63
S SO4 D . -4.82 25.05 -14.05
O1 SO4 D . -4.92 24.45 -12.72
O2 SO4 D . -6.14 25.17 -14.63
O3 SO4 D . -3.98 24.19 -14.89
O4 SO4 D . -4.20 26.37 -13.94
S SO4 E . -26.87 8.73 -15.31
O1 SO4 E . -26.17 8.44 -14.07
O2 SO4 E . -27.65 7.57 -15.73
O3 SO4 E . -25.89 9.06 -16.36
O4 SO4 E . -27.76 9.87 -15.11
#